data_1TYU
#
_entry.id   1TYU
#
_cell.length_a   120.900
_cell.length_b   120.900
_cell.length_c   120.900
_cell.angle_alpha   90.00
_cell.angle_beta   90.00
_cell.angle_gamma   90.00
#
_symmetry.space_group_name_H-M   'P 21 3'
#
loop_
_entity.id
_entity.type
_entity.pdbx_description
1 polymer 'TAILSPIKE PROTEIN'
2 branched alpha-D-galactopyranose-(1-2)-[alpha-D-Tyvelopyranose-(1-3)]alpha-D-mannopyranose-(1-4)-alpha-L-rhamnopyranose-(1-3)-alpha-D-galactopyranose-(1-2)-[alpha-D-Tyvelopyranose-(1-3)]alpha-D-mannopyranose-(1-4)-alpha-L-rhamnopyranose
3 water water
#
_entity_poly.entity_id   1
_entity_poly.type   'polypeptide(L)'
_entity_poly.pdbx_seq_one_letter_code
;YSIEADKKFKYSVKLSDYPTLQDAASAAVDGLLIDRDYNFYGGETVDFGGKVLTIECKAKFIGDGNLIFTKLGKGSRIAG
VFMESTTTPWVIKPWTDDNQWLTDAAAVVATLKQSKTDGYQPTVSDYVKFPGIETLLPPNAKGQNITSTLEIRECIGVEV
HRASGLMAGFLFRGCHFCKMVDANNPSGGKDGIITFENLSGDWGKGNYVIGGRTSYGSVSSAQFLRNNGGFERDGGVIGF
TSYRAGESGVKTWQGTVGSTTSRNYNLQFRDSVVIYPVWDGFDLGADTDMNPELDRPGDYPITQYPLHQLPLNHLIDNLL
VRGALGVGFGMDGKGMYVSNITVEDCAGSGAYLLTHESVFTNIAIIDTNTKDFQANQIYISGACRVNGLRLIGIRSTDGQ
GLTIDAPNSTVSGITGMVDPSRINVANLAEEGLGNIRANSFGYDSAAIKLRIHKLSKTLDSGALYSHINGGAGSGSAYTQ
LTAISGSTPDAVSLKVNHKDCRGAEIPFVPDIASDDFIKDSSCFLPYWENNSTSLKALVKKPNGELVRLTLATL
;
_entity_poly.pdbx_strand_id   A
#
# COMPACT_ATOMS: atom_id res chain seq x y z
N TYR A 1 -8.30 -44.51 46.63
CA TYR A 1 -8.01 -44.24 45.23
C TYR A 1 -8.28 -42.79 44.84
N SER A 2 -9.33 -42.20 45.42
CA SER A 2 -9.68 -40.82 45.11
C SER A 2 -8.52 -39.87 45.38
N ILE A 3 -7.79 -40.10 46.46
CA ILE A 3 -6.65 -39.26 46.84
C ILE A 3 -5.57 -39.38 45.77
N GLU A 4 -5.35 -40.61 45.33
CA GLU A 4 -4.37 -40.92 44.31
C GLU A 4 -4.78 -40.33 42.97
N ALA A 5 -6.01 -40.60 42.57
CA ALA A 5 -6.54 -40.11 41.31
C ALA A 5 -6.49 -38.58 41.24
N ASP A 6 -6.86 -37.91 42.33
CA ASP A 6 -6.86 -36.45 42.39
C ASP A 6 -5.48 -35.86 42.14
N LYS A 7 -4.44 -36.64 42.43
CA LYS A 7 -3.07 -36.21 42.26
C LYS A 7 -2.39 -36.65 40.96
N LYS A 8 -2.97 -37.63 40.27
CA LYS A 8 -2.32 -38.10 39.07
C LYS A 8 -2.97 -37.81 37.75
N PHE A 9 -4.17 -37.21 37.78
CA PHE A 9 -4.87 -36.89 36.54
C PHE A 9 -4.99 -35.40 36.24
N LYS A 10 -4.98 -35.11 34.94
CA LYS A 10 -5.12 -33.75 34.39
C LYS A 10 -6.56 -33.28 34.60
N TYR A 11 -6.73 -32.10 35.17
CA TYR A 11 -8.08 -31.56 35.41
C TYR A 11 -8.66 -30.87 34.21
N SER A 12 -9.91 -31.21 33.88
CA SER A 12 -10.61 -30.60 32.77
C SER A 12 -12.11 -30.85 32.90
N VAL A 13 -12.91 -29.82 32.69
CA VAL A 13 -14.36 -29.97 32.71
C VAL A 13 -14.79 -29.82 31.24
N LYS A 14 -15.95 -30.39 30.89
CA LYS A 14 -16.45 -30.32 29.54
C LYS A 14 -17.87 -29.80 29.55
N LEU A 15 -18.16 -28.93 28.58
CA LEU A 15 -19.46 -28.29 28.44
C LEU A 15 -20.66 -29.24 28.40
N SER A 16 -20.47 -30.45 27.87
CA SER A 16 -21.57 -31.40 27.79
C SER A 16 -22.15 -31.76 29.16
N ASP A 17 -21.40 -31.47 30.24
CA ASP A 17 -21.84 -31.78 31.60
C ASP A 17 -22.60 -30.62 32.24
N TYR A 18 -22.68 -29.50 31.55
CA TYR A 18 -23.33 -28.33 32.13
C TYR A 18 -24.39 -27.73 31.26
N PRO A 19 -25.36 -27.06 31.90
CA PRO A 19 -26.45 -26.41 31.17
C PRO A 19 -26.04 -25.09 30.53
N THR A 20 -25.14 -24.36 31.18
CA THR A 20 -24.69 -23.08 30.65
C THR A 20 -23.16 -23.03 30.64
N LEU A 21 -22.61 -22.08 29.89
CA LEU A 21 -21.16 -21.91 29.80
C LEU A 21 -20.62 -21.38 31.15
N GLN A 22 -21.38 -20.52 31.82
CA GLN A 22 -20.95 -19.99 33.12
C GLN A 22 -20.78 -21.11 34.15
N ASP A 23 -21.67 -22.10 34.12
CA ASP A 23 -21.58 -23.21 35.07
C ASP A 23 -20.29 -23.99 34.82
N ALA A 24 -19.98 -24.20 33.54
CA ALA A 24 -18.74 -24.88 33.17
C ALA A 24 -17.54 -24.06 33.61
N ALA A 25 -17.59 -22.74 33.38
CA ALA A 25 -16.52 -21.82 33.77
C ALA A 25 -16.27 -21.86 35.27
N SER A 26 -17.36 -21.88 36.04
CA SER A 26 -17.27 -21.91 37.50
C SER A 26 -16.60 -23.18 38.03
N ALA A 27 -16.86 -24.30 37.37
CA ALA A 27 -16.29 -25.58 37.76
C ALA A 27 -14.84 -25.78 37.31
N ALA A 28 -14.44 -25.10 36.23
CA ALA A 28 -13.10 -25.25 35.67
C ALA A 28 -11.95 -24.91 36.61
N VAL A 29 -10.88 -25.67 36.49
CA VAL A 29 -9.69 -25.53 37.32
C VAL A 29 -8.42 -25.30 36.47
N ASP A 30 -8.28 -26.11 35.43
CA ASP A 30 -7.13 -26.07 34.54
C ASP A 30 -7.69 -26.01 33.12
N GLY A 31 -8.21 -27.13 32.64
CA GLY A 31 -8.76 -27.15 31.31
C GLY A 31 -10.27 -27.05 31.21
N LEU A 32 -10.72 -26.63 30.04
CA LEU A 32 -12.15 -26.50 29.73
C LEU A 32 -12.32 -26.93 28.28
N LEU A 33 -13.08 -27.99 28.07
CA LEU A 33 -13.35 -28.53 26.74
C LEU A 33 -14.75 -28.16 26.24
N ILE A 34 -14.82 -27.56 25.06
CA ILE A 34 -16.10 -27.20 24.47
C ILE A 34 -16.36 -28.36 23.52
N ASP A 35 -17.18 -29.30 23.99
CA ASP A 35 -17.45 -30.51 23.24
C ASP A 35 -18.86 -30.65 22.69
N ARG A 36 -19.65 -29.59 22.79
CA ARG A 36 -21.00 -29.61 22.23
C ARG A 36 -21.28 -28.19 21.77
N ASP A 37 -22.07 -28.07 20.70
CA ASP A 37 -22.41 -26.76 20.17
C ASP A 37 -23.16 -26.02 21.25
N TYR A 38 -22.89 -24.73 21.34
CA TYR A 38 -23.54 -23.92 22.35
C TYR A 38 -24.16 -22.69 21.72
N ASN A 39 -25.46 -22.54 21.90
CA ASN A 39 -26.17 -21.38 21.38
C ASN A 39 -26.15 -20.31 22.46
N PHE A 40 -25.55 -19.17 22.15
CA PHE A 40 -25.49 -18.09 23.12
C PHE A 40 -26.41 -16.97 22.66
N TYR A 41 -26.86 -16.16 23.62
CA TYR A 41 -27.69 -15.00 23.30
C TYR A 41 -26.75 -13.80 23.30
N GLY A 42 -27.03 -12.81 22.44
CA GLY A 42 -26.19 -11.63 22.37
C GLY A 42 -26.04 -10.96 23.72
N GLY A 43 -24.80 -10.74 24.13
CA GLY A 43 -24.53 -10.10 25.41
C GLY A 43 -24.28 -11.10 26.53
N GLU A 44 -24.38 -12.38 26.22
CA GLU A 44 -24.13 -13.38 27.24
C GLU A 44 -22.69 -13.21 27.75
N THR A 45 -22.54 -13.03 29.06
CA THR A 45 -21.24 -12.78 29.68
C THR A 45 -20.80 -13.89 30.62
N VAL A 46 -19.56 -14.34 30.47
CA VAL A 46 -19.01 -15.41 31.28
C VAL A 46 -17.85 -14.87 32.10
N ASP A 47 -17.89 -15.13 33.40
CA ASP A 47 -16.87 -14.68 34.34
C ASP A 47 -16.01 -15.91 34.68
N PHE A 48 -14.73 -15.85 34.32
CA PHE A 48 -13.81 -16.96 34.56
C PHE A 48 -13.04 -16.91 35.89
N GLY A 49 -13.49 -16.04 36.78
CA GLY A 49 -12.91 -15.92 38.11
C GLY A 49 -11.42 -15.70 38.25
N GLY A 50 -10.80 -15.11 37.23
CA GLY A 50 -9.36 -14.85 37.25
C GLY A 50 -8.52 -16.10 37.09
N LYS A 51 -9.15 -17.22 36.74
CA LYS A 51 -8.41 -18.47 36.59
C LYS A 51 -7.64 -18.54 35.29
N VAL A 52 -6.46 -19.16 35.34
CA VAL A 52 -5.62 -19.32 34.15
C VAL A 52 -6.07 -20.64 33.49
N LEU A 53 -6.92 -20.53 32.49
CA LEU A 53 -7.47 -21.72 31.86
C LEU A 53 -7.01 -21.98 30.45
N THR A 54 -7.05 -23.26 30.07
CA THR A 54 -6.72 -23.66 28.71
C THR A 54 -8.05 -24.17 28.14
N ILE A 55 -8.65 -23.39 27.26
CA ILE A 55 -9.93 -23.73 26.68
C ILE A 55 -9.74 -24.31 25.30
N GLU A 56 -10.09 -25.58 25.17
CA GLU A 56 -9.98 -26.32 23.93
C GLU A 56 -11.37 -26.45 23.30
N CYS A 57 -11.54 -25.89 22.11
CA CYS A 57 -12.83 -25.94 21.42
C CYS A 57 -12.90 -27.01 20.35
N LYS A 58 -13.91 -27.87 20.45
CA LYS A 58 -14.13 -28.92 19.47
C LYS A 58 -15.58 -28.87 19.01
N ALA A 59 -16.21 -27.72 19.20
CA ALA A 59 -17.59 -27.52 18.79
C ALA A 59 -17.78 -26.03 18.55
N LYS A 60 -18.99 -25.64 18.13
CA LYS A 60 -19.27 -24.24 17.81
C LYS A 60 -20.01 -23.43 18.86
N PHE A 61 -19.81 -22.12 18.78
CA PHE A 61 -20.52 -21.14 19.61
C PHE A 61 -21.45 -20.53 18.55
N ILE A 62 -22.75 -20.71 18.71
CA ILE A 62 -23.72 -20.23 17.74
C ILE A 62 -24.62 -19.11 18.25
N GLY A 63 -24.66 -18.01 17.50
CA GLY A 63 -25.52 -16.91 17.88
C GLY A 63 -25.17 -15.63 17.15
N ASP A 64 -26.12 -14.71 17.08
CA ASP A 64 -25.88 -13.41 16.47
C ASP A 64 -25.50 -12.56 17.68
N GLY A 65 -24.56 -11.63 17.51
CA GLY A 65 -24.20 -10.81 18.64
C GLY A 65 -22.94 -11.25 19.35
N ASN A 66 -22.69 -10.69 20.53
CA ASN A 66 -21.46 -10.98 21.26
C ASN A 66 -21.57 -11.96 22.41
N LEU A 67 -20.57 -12.84 22.48
CA LEU A 67 -20.40 -13.80 23.57
C LEU A 67 -19.19 -13.15 24.28
N ILE A 68 -19.39 -12.70 25.52
CA ILE A 68 -18.38 -11.98 26.26
C ILE A 68 -17.65 -12.80 27.33
N PHE A 69 -16.33 -12.92 27.18
CA PHE A 69 -15.47 -13.63 28.12
C PHE A 69 -14.77 -12.59 28.97
N THR A 70 -14.90 -12.68 30.29
CA THR A 70 -14.26 -11.71 31.17
C THR A 70 -13.49 -12.44 32.25
N LYS A 71 -12.58 -11.72 32.90
CA LYS A 71 -11.80 -12.24 34.01
C LYS A 71 -11.07 -13.56 33.80
N LEU A 72 -10.38 -13.66 32.66
CA LEU A 72 -9.55 -14.81 32.35
C LEU A 72 -8.19 -14.41 32.91
N GLY A 73 -7.52 -15.33 33.58
CA GLY A 73 -6.21 -15.03 34.15
C GLY A 73 -5.12 -14.90 33.11
N LYS A 74 -4.07 -14.16 33.44
CA LYS A 74 -2.96 -13.97 32.52
C LYS A 74 -2.36 -15.34 32.21
N GLY A 75 -2.21 -15.65 30.93
CA GLY A 75 -1.67 -16.92 30.54
C GLY A 75 -2.73 -17.85 29.97
N SER A 76 -3.98 -17.41 30.00
CA SER A 76 -5.08 -18.22 29.45
C SER A 76 -5.00 -18.33 27.93
N ARG A 77 -5.40 -19.48 27.39
CA ARG A 77 -5.39 -19.75 25.94
C ARG A 77 -6.71 -20.33 25.51
N ILE A 78 -7.19 -19.92 24.35
CA ILE A 78 -8.43 -20.41 23.76
C ILE A 78 -7.99 -20.94 22.40
N ALA A 79 -8.23 -22.21 22.13
CA ALA A 79 -7.82 -22.78 20.85
C ALA A 79 -8.93 -23.45 20.07
N GLY A 80 -8.95 -23.19 18.77
CA GLY A 80 -9.93 -23.81 17.88
C GLY A 80 -11.35 -23.31 17.94
N VAL A 81 -11.58 -22.15 18.55
CA VAL A 81 -12.92 -21.58 18.66
C VAL A 81 -13.52 -21.34 17.27
N PHE A 82 -14.82 -21.62 17.14
CA PHE A 82 -15.54 -21.44 15.89
C PHE A 82 -16.82 -20.69 16.18
N MET A 83 -16.96 -19.48 15.63
CA MET A 83 -18.14 -18.63 15.81
C MET A 83 -19.03 -18.72 14.56
N GLU A 84 -20.34 -18.81 14.74
CA GLU A 84 -21.26 -18.87 13.60
C GLU A 84 -22.56 -18.18 13.96
N SER A 85 -23.02 -17.32 13.08
CA SER A 85 -24.27 -16.59 13.29
C SER A 85 -25.47 -17.52 13.16
N THR A 86 -26.61 -17.11 13.71
CA THR A 86 -27.82 -17.91 13.55
C THR A 86 -28.51 -17.41 12.27
N THR A 87 -28.31 -16.14 11.95
CA THR A 87 -28.91 -15.54 10.76
C THR A 87 -28.05 -15.74 9.52
N THR A 88 -28.72 -15.97 8.39
CA THR A 88 -28.04 -16.08 7.09
C THR A 88 -28.46 -14.80 6.39
N PRO A 89 -27.55 -13.83 6.31
CA PRO A 89 -27.90 -12.57 5.66
C PRO A 89 -27.79 -12.55 4.14
N TRP A 90 -28.19 -11.41 3.58
CA TRP A 90 -28.08 -11.15 2.15
C TRP A 90 -26.68 -10.58 1.94
N VAL A 91 -25.92 -11.16 1.03
CA VAL A 91 -24.57 -10.70 0.74
C VAL A 91 -24.36 -10.39 -0.76
N ILE A 92 -23.46 -9.45 -1.05
CA ILE A 92 -23.12 -9.11 -2.42
C ILE A 92 -21.75 -9.72 -2.68
N LYS A 93 -21.45 -9.98 -3.94
CA LYS A 93 -20.20 -10.58 -4.34
C LYS A 93 -19.74 -9.82 -5.58
N PRO A 94 -19.03 -8.69 -5.39
CA PRO A 94 -18.51 -7.81 -6.45
C PRO A 94 -17.37 -8.27 -7.36
N TRP A 95 -17.36 -9.56 -7.74
CA TRP A 95 -16.34 -10.09 -8.64
C TRP A 95 -16.93 -11.22 -9.49
N THR A 96 -16.35 -11.43 -10.66
CA THR A 96 -16.84 -12.46 -11.57
C THR A 96 -16.16 -13.82 -11.40
N ASP A 97 -16.61 -14.79 -12.20
CA ASP A 97 -16.06 -16.15 -12.20
C ASP A 97 -14.64 -16.16 -12.75
N ASP A 98 -14.22 -15.04 -13.33
CA ASP A 98 -12.87 -14.89 -13.87
C ASP A 98 -12.10 -14.01 -12.91
N ASN A 99 -12.66 -13.78 -11.73
CA ASN A 99 -12.04 -12.94 -10.73
C ASN A 99 -11.78 -11.50 -11.18
N GLN A 100 -12.70 -10.98 -11.97
CA GLN A 100 -12.61 -9.57 -12.38
C GLN A 100 -13.55 -8.85 -11.43
N TRP A 101 -13.15 -7.68 -10.98
CA TRP A 101 -14.00 -6.86 -10.10
C TRP A 101 -15.17 -6.30 -10.89
N LEU A 102 -16.34 -6.24 -10.24
CA LEU A 102 -17.53 -5.63 -10.85
C LEU A 102 -17.53 -4.25 -10.22
N THR A 103 -17.70 -3.21 -11.03
CA THR A 103 -17.72 -1.85 -10.48
C THR A 103 -19.07 -1.16 -10.71
N ASP A 104 -19.89 -1.76 -11.55
CA ASP A 104 -21.18 -1.24 -11.90
C ASP A 104 -22.22 -1.62 -10.82
N ALA A 105 -22.90 -0.64 -10.24
CA ALA A 105 -23.89 -0.88 -9.19
C ALA A 105 -24.96 -1.91 -9.55
N ALA A 106 -25.51 -1.83 -10.77
CA ALA A 106 -26.53 -2.77 -11.22
C ALA A 106 -25.98 -4.20 -11.30
N ALA A 107 -24.73 -4.34 -11.75
CA ALA A 107 -24.13 -5.64 -11.85
C ALA A 107 -23.89 -6.23 -10.44
N VAL A 108 -23.50 -5.39 -9.48
CA VAL A 108 -23.25 -5.86 -8.11
C VAL A 108 -24.55 -6.26 -7.42
N VAL A 109 -25.61 -5.48 -7.63
CA VAL A 109 -26.90 -5.78 -7.02
C VAL A 109 -27.39 -7.14 -7.51
N ALA A 110 -27.13 -7.43 -8.77
CA ALA A 110 -27.51 -8.71 -9.36
C ALA A 110 -26.83 -9.90 -8.69
N THR A 111 -25.76 -9.70 -7.92
CA THR A 111 -25.07 -10.82 -7.26
C THR A 111 -25.66 -11.22 -5.90
N LEU A 112 -26.65 -10.47 -5.45
CA LEU A 112 -27.29 -10.71 -4.15
C LEU A 112 -27.76 -12.16 -3.92
N LYS A 113 -27.41 -12.71 -2.76
CA LYS A 113 -27.81 -14.06 -2.38
C LYS A 113 -27.78 -14.14 -0.86
N GLN A 114 -28.45 -15.13 -0.30
CA GLN A 114 -28.45 -15.34 1.13
C GLN A 114 -27.38 -16.37 1.40
N SER A 115 -26.37 -16.00 2.14
CA SER A 115 -25.28 -16.90 2.44
C SER A 115 -24.47 -16.36 3.61
N LYS A 116 -23.77 -17.25 4.30
CA LYS A 116 -22.92 -16.86 5.42
C LYS A 116 -21.47 -16.69 4.99
N THR A 117 -21.22 -16.74 3.68
CA THR A 117 -19.86 -16.58 3.19
C THR A 117 -19.89 -16.27 1.70
N ASP A 118 -18.72 -16.18 1.08
CA ASP A 118 -18.55 -15.89 -0.34
C ASP A 118 -19.26 -14.58 -0.75
N GLY A 119 -19.04 -13.56 0.06
CA GLY A 119 -19.62 -12.26 -0.19
C GLY A 119 -19.69 -11.58 1.15
N TYR A 120 -20.29 -10.38 1.19
CA TYR A 120 -20.43 -9.64 2.44
C TYR A 120 -21.68 -8.76 2.44
N GLN A 121 -22.15 -8.44 3.64
CA GLN A 121 -23.31 -7.57 3.82
C GLN A 121 -22.91 -6.14 3.44
N PRO A 122 -23.68 -5.49 2.56
CA PRO A 122 -23.40 -4.11 2.13
C PRO A 122 -23.37 -3.13 3.31
N THR A 123 -22.51 -2.13 3.22
CA THR A 123 -22.38 -1.12 4.26
C THR A 123 -22.50 0.25 3.60
N VAL A 124 -22.46 1.30 4.44
CA VAL A 124 -22.54 2.66 3.93
C VAL A 124 -21.36 2.98 3.01
N SER A 125 -20.21 2.33 3.23
CA SER A 125 -19.03 2.57 2.40
C SER A 125 -19.27 2.08 0.97
N ASP A 126 -20.07 1.03 0.82
CA ASP A 126 -20.41 0.53 -0.51
C ASP A 126 -21.18 1.56 -1.36
N TYR A 127 -21.92 2.45 -0.69
CA TYR A 127 -22.69 3.48 -1.38
C TYR A 127 -21.73 4.43 -2.10
N VAL A 128 -20.54 4.56 -1.54
CA VAL A 128 -19.48 5.40 -2.11
C VAL A 128 -18.69 4.61 -3.17
N LYS A 129 -18.36 3.36 -2.84
CA LYS A 129 -17.58 2.50 -3.72
C LYS A 129 -18.30 2.17 -5.05
N PHE A 130 -19.59 1.86 -4.99
CA PHE A 130 -20.38 1.53 -6.19
C PHE A 130 -21.49 2.56 -6.26
N PRO A 131 -21.19 3.74 -6.81
CA PRO A 131 -22.18 4.81 -6.93
C PRO A 131 -23.52 4.42 -7.52
N GLY A 132 -24.57 4.71 -6.74
CA GLY A 132 -25.94 4.42 -7.13
C GLY A 132 -26.49 3.14 -6.54
N ILE A 133 -25.64 2.35 -5.91
CA ILE A 133 -26.08 1.09 -5.34
C ILE A 133 -27.08 1.32 -4.20
N GLU A 134 -26.96 2.43 -3.49
CA GLU A 134 -27.86 2.70 -2.39
C GLU A 134 -29.33 2.69 -2.82
N THR A 135 -29.61 3.21 -4.01
CA THR A 135 -30.98 3.25 -4.48
C THR A 135 -31.42 1.96 -5.19
N LEU A 136 -30.46 1.15 -5.61
CA LEU A 136 -30.79 -0.11 -6.29
C LEU A 136 -30.95 -1.29 -5.35
N LEU A 137 -30.29 -1.25 -4.20
CA LEU A 137 -30.39 -2.34 -3.25
C LEU A 137 -31.77 -2.44 -2.66
N PRO A 138 -32.31 -3.68 -2.53
CA PRO A 138 -33.64 -3.90 -1.94
C PRO A 138 -33.51 -3.62 -0.44
N PRO A 139 -34.58 -3.15 0.20
CA PRO A 139 -34.52 -2.87 1.64
C PRO A 139 -34.01 -3.98 2.56
N ASN A 140 -34.29 -5.23 2.26
CA ASN A 140 -33.79 -6.29 3.14
C ASN A 140 -32.27 -6.52 3.04
N ALA A 141 -31.64 -5.88 2.07
CA ALA A 141 -30.20 -6.01 1.89
C ALA A 141 -29.43 -4.85 2.52
N LYS A 142 -30.15 -3.82 2.96
CA LYS A 142 -29.53 -2.64 3.56
C LYS A 142 -29.59 -2.62 5.08
N GLY A 143 -28.55 -2.09 5.70
CA GLY A 143 -28.51 -1.98 7.16
C GLY A 143 -28.47 -3.28 7.96
N GLN A 144 -27.95 -4.35 7.37
CA GLN A 144 -27.86 -5.63 8.09
C GLN A 144 -26.69 -5.54 9.05
N ASN A 145 -26.77 -6.23 10.18
CA ASN A 145 -25.71 -6.17 11.17
C ASN A 145 -25.44 -7.54 11.79
N ILE A 146 -25.17 -8.51 10.95
CA ILE A 146 -24.94 -9.86 11.43
C ILE A 146 -23.46 -10.19 11.64
N THR A 147 -23.10 -10.50 12.88
CA THR A 147 -21.76 -10.93 13.24
C THR A 147 -21.90 -11.77 14.51
N SER A 148 -21.20 -12.91 14.55
CA SER A 148 -21.14 -13.78 15.73
C SER A 148 -19.76 -13.46 16.30
N THR A 149 -19.74 -12.66 17.37
CA THR A 149 -18.50 -12.18 17.93
C THR A 149 -18.06 -12.70 19.26
N LEU A 150 -16.80 -13.13 19.34
CA LEU A 150 -16.21 -13.56 20.60
C LEU A 150 -15.52 -12.30 21.12
N GLU A 151 -16.01 -11.77 22.22
CA GLU A 151 -15.44 -10.57 22.80
C GLU A 151 -14.67 -10.91 24.07
N ILE A 152 -13.38 -10.60 24.09
CA ILE A 152 -12.53 -10.81 25.27
C ILE A 152 -12.51 -9.39 25.86
N ARG A 153 -13.01 -9.23 27.07
CA ARG A 153 -13.08 -7.90 27.66
C ARG A 153 -12.18 -7.67 28.84
N GLU A 154 -11.38 -6.62 28.74
CA GLU A 154 -10.46 -6.20 29.80
C GLU A 154 -9.62 -7.31 30.40
N CYS A 155 -8.95 -8.06 29.54
CA CYS A 155 -8.11 -9.14 30.01
C CYS A 155 -6.68 -8.80 29.61
N ILE A 156 -5.72 -9.49 30.24
CA ILE A 156 -4.31 -9.29 29.97
C ILE A 156 -3.66 -10.66 29.79
N GLY A 157 -2.82 -10.76 28.77
CA GLY A 157 -2.12 -12.00 28.51
C GLY A 157 -2.98 -13.18 28.07
N VAL A 158 -4.01 -12.94 27.27
CA VAL A 158 -4.86 -14.01 26.76
C VAL A 158 -4.59 -14.20 25.27
N GLU A 159 -4.44 -15.45 24.84
CA GLU A 159 -4.21 -15.70 23.41
C GLU A 159 -5.28 -16.59 22.81
N VAL A 160 -5.68 -16.23 21.60
CA VAL A 160 -6.70 -16.98 20.87
C VAL A 160 -5.96 -17.59 19.68
N HIS A 161 -5.97 -18.92 19.62
CA HIS A 161 -5.26 -19.69 18.59
C HIS A 161 -6.16 -20.48 17.65
N ARG A 162 -5.82 -20.46 16.36
CA ARG A 162 -6.53 -21.22 15.34
C ARG A 162 -8.03 -21.04 15.35
N ALA A 163 -8.47 -19.81 15.47
CA ALA A 163 -9.88 -19.49 15.50
C ALA A 163 -10.44 -19.52 14.08
N SER A 164 -11.72 -19.83 13.96
CA SER A 164 -12.40 -19.84 12.67
C SER A 164 -13.88 -19.47 12.81
N GLY A 165 -14.65 -19.59 11.74
CA GLY A 165 -16.06 -19.28 11.84
C GLY A 165 -16.69 -18.84 10.55
N LEU A 166 -17.99 -18.56 10.63
CA LEU A 166 -18.81 -18.07 9.51
C LEU A 166 -19.55 -16.87 10.05
N MET A 167 -19.39 -15.72 9.39
CA MET A 167 -19.95 -14.45 9.81
C MET A 167 -19.38 -14.19 11.20
N ALA A 168 -18.11 -14.55 11.37
CA ALA A 168 -17.40 -14.45 12.65
C ALA A 168 -16.57 -13.20 12.89
N GLY A 169 -16.51 -12.79 14.16
CA GLY A 169 -15.74 -11.63 14.57
C GLY A 169 -15.06 -11.91 15.90
N PHE A 170 -13.90 -11.28 16.12
CA PHE A 170 -13.11 -11.45 17.34
C PHE A 170 -12.72 -10.06 17.80
N LEU A 171 -13.19 -9.72 18.99
CA LEU A 171 -12.96 -8.41 19.57
C LEU A 171 -12.27 -8.43 20.92
N PHE A 172 -11.13 -7.77 21.00
CA PHE A 172 -10.39 -7.63 22.24
C PHE A 172 -10.70 -6.19 22.67
N ARG A 173 -11.51 -6.05 23.70
CA ARG A 173 -11.91 -4.72 24.18
C ARG A 173 -11.19 -4.40 25.49
N GLY A 174 -10.37 -3.36 25.48
CA GLY A 174 -9.65 -2.95 26.67
C GLY A 174 -8.60 -3.96 27.13
N CYS A 175 -8.09 -4.76 26.21
CA CYS A 175 -7.09 -5.78 26.53
C CYS A 175 -5.67 -5.32 26.30
N HIS A 176 -4.72 -6.02 26.93
CA HIS A 176 -3.31 -5.73 26.79
C HIS A 176 -2.58 -7.05 26.73
N PHE A 177 -1.49 -7.10 25.96
CA PHE A 177 -0.67 -8.30 25.83
C PHE A 177 -1.45 -9.52 25.38
N CYS A 178 -2.40 -9.30 24.48
CA CYS A 178 -3.21 -10.37 23.93
C CYS A 178 -2.81 -10.61 22.47
N LYS A 179 -2.99 -11.84 21.99
CA LYS A 179 -2.64 -12.17 20.64
C LYS A 179 -3.70 -13.01 19.94
N MET A 180 -3.84 -12.78 18.64
CA MET A 180 -4.73 -13.54 17.78
C MET A 180 -3.68 -14.28 16.94
N VAL A 181 -3.52 -15.57 17.23
CA VAL A 181 -2.50 -16.38 16.58
C VAL A 181 -3.02 -17.47 15.64
N ASP A 182 -2.42 -17.52 14.45
CA ASP A 182 -2.75 -18.49 13.42
C ASP A 182 -4.25 -18.61 13.15
N ALA A 183 -4.94 -17.49 12.96
CA ALA A 183 -6.38 -17.52 12.65
C ALA A 183 -6.55 -18.49 11.47
N ASN A 184 -7.44 -19.45 11.66
CA ASN A 184 -7.70 -20.47 10.66
C ASN A 184 -8.77 -20.07 9.65
N ASN A 185 -8.50 -19.00 8.93
CA ASN A 185 -9.39 -18.51 7.90
C ASN A 185 -10.87 -18.29 8.24
N PRO A 186 -11.16 -17.53 9.31
CA PRO A 186 -12.57 -17.29 9.61
C PRO A 186 -13.16 -16.45 8.49
N SER A 187 -14.43 -16.68 8.17
CA SER A 187 -15.14 -15.91 7.14
C SER A 187 -15.87 -14.80 7.95
N GLY A 188 -15.56 -13.55 7.66
CA GLY A 188 -16.09 -12.43 8.41
C GLY A 188 -17.55 -12.05 8.30
N GLY A 189 -17.99 -11.29 9.30
CA GLY A 189 -19.36 -10.82 9.35
C GLY A 189 -19.41 -9.33 9.07
N LYS A 190 -20.35 -8.64 9.70
CA LYS A 190 -20.50 -7.21 9.45
C LYS A 190 -19.38 -6.35 10.05
N ASP A 191 -18.91 -6.70 11.24
CA ASP A 191 -17.83 -5.95 11.91
C ASP A 191 -16.43 -6.46 11.54
N GLY A 192 -15.41 -5.78 12.04
CA GLY A 192 -14.03 -6.16 11.78
C GLY A 192 -13.80 -7.60 12.18
N ILE A 193 -12.99 -8.36 11.45
CA ILE A 193 -12.78 -9.76 11.84
C ILE A 193 -11.93 -9.87 13.11
N ILE A 194 -10.86 -9.07 13.18
CA ILE A 194 -9.98 -9.06 14.36
C ILE A 194 -9.81 -7.60 14.74
N THR A 195 -10.29 -7.24 15.93
CA THR A 195 -10.23 -5.86 16.43
C THR A 195 -9.61 -5.74 17.80
N PHE A 196 -8.66 -4.80 17.95
CA PHE A 196 -8.08 -4.49 19.25
C PHE A 196 -8.54 -3.05 19.50
N GLU A 197 -9.56 -2.91 20.36
CA GLU A 197 -10.13 -1.62 20.67
C GLU A 197 -9.77 -1.23 22.12
N ASN A 198 -9.08 -0.10 22.27
CA ASN A 198 -8.65 0.40 23.59
C ASN A 198 -9.01 1.87 23.77
N LEU A 199 -10.28 2.17 23.54
CA LEU A 199 -10.78 3.52 23.68
C LEU A 199 -10.86 3.99 25.14
N SER A 200 -11.01 3.05 26.07
CA SER A 200 -11.07 3.36 27.50
C SER A 200 -9.89 2.72 28.20
N GLY A 201 -9.47 3.36 29.29
CA GLY A 201 -8.35 2.87 30.05
C GLY A 201 -7.07 3.30 29.38
N ASP A 202 -6.02 2.53 29.60
CA ASP A 202 -4.73 2.83 29.01
C ASP A 202 -4.70 2.52 27.52
N TRP A 203 -3.73 3.09 26.85
CA TRP A 203 -3.54 2.83 25.43
C TRP A 203 -3.19 1.35 25.31
N GLY A 204 -3.75 0.67 24.31
CA GLY A 204 -3.43 -0.73 24.12
C GLY A 204 -1.95 -0.98 23.86
N LYS A 205 -1.39 -2.04 24.43
CA LYS A 205 0.01 -2.40 24.26
C LYS A 205 0.15 -3.92 24.32
N GLY A 206 1.09 -4.46 23.54
CA GLY A 206 1.33 -5.89 23.49
C GLY A 206 0.31 -6.71 22.72
N ASN A 207 -0.53 -6.03 21.93
CA ASN A 207 -1.56 -6.72 21.15
C ASN A 207 -1.09 -7.02 19.74
N TYR A 208 -1.18 -8.29 19.36
CA TYR A 208 -0.72 -8.73 18.05
C TYR A 208 -1.64 -9.65 17.29
N VAL A 209 -1.48 -9.63 15.97
CA VAL A 209 -2.12 -10.58 15.06
C VAL A 209 -0.84 -11.26 14.54
N ILE A 210 -0.65 -12.53 14.85
CA ILE A 210 0.54 -13.27 14.41
C ILE A 210 0.11 -14.44 13.54
N GLY A 211 0.53 -14.44 12.28
CA GLY A 211 0.20 -15.52 11.38
C GLY A 211 -1.27 -15.62 10.97
N GLY A 212 -1.59 -16.72 10.32
CA GLY A 212 -2.95 -16.97 9.90
C GLY A 212 -3.51 -16.15 8.75
N ARG A 213 -4.82 -16.30 8.53
CA ARG A 213 -5.50 -15.61 7.47
C ARG A 213 -6.98 -15.45 7.78
N THR A 214 -7.61 -14.54 7.06
CA THR A 214 -9.06 -14.32 7.18
C THR A 214 -9.58 -14.14 5.76
N SER A 215 -10.89 -14.29 5.59
CA SER A 215 -11.53 -14.11 4.31
C SER A 215 -12.82 -13.31 4.48
N TYR A 216 -13.16 -12.52 3.47
CA TYR A 216 -14.40 -11.73 3.44
C TYR A 216 -14.55 -10.74 4.59
N GLY A 217 -15.79 -10.55 5.07
CA GLY A 217 -16.05 -9.57 6.12
C GLY A 217 -16.46 -8.27 5.43
N SER A 218 -17.40 -7.53 6.00
CA SER A 218 -17.87 -6.28 5.43
C SER A 218 -16.90 -5.09 5.57
N VAL A 219 -16.09 -5.09 6.62
CA VAL A 219 -15.14 -4.01 6.84
C VAL A 219 -13.71 -4.54 6.88
N SER A 220 -12.84 -3.98 7.71
CA SER A 220 -11.44 -4.44 7.75
C SER A 220 -11.15 -5.78 8.45
N SER A 221 -10.13 -6.48 7.96
CA SER A 221 -9.76 -7.78 8.51
C SER A 221 -9.13 -7.70 9.89
N ALA A 222 -8.12 -6.84 10.01
CA ALA A 222 -7.45 -6.65 11.29
C ALA A 222 -7.42 -5.14 11.49
N GLN A 223 -7.83 -4.69 12.67
CA GLN A 223 -7.86 -3.26 12.93
C GLN A 223 -7.53 -2.91 14.38
N PHE A 224 -6.93 -1.73 14.55
CA PHE A 224 -6.52 -1.26 15.87
C PHE A 224 -7.07 0.13 16.18
N LEU A 225 -7.46 0.33 17.43
CA LEU A 225 -7.96 1.62 17.90
C LEU A 225 -7.23 1.96 19.20
N ARG A 226 -6.56 3.12 19.21
CA ARG A 226 -5.84 3.64 20.38
C ARG A 226 -4.83 2.67 21.01
N ASN A 227 -3.94 2.14 20.18
CA ASN A 227 -2.88 1.26 20.65
C ASN A 227 -1.57 1.99 20.42
N ASN A 228 -0.62 1.78 21.34
CA ASN A 228 0.70 2.38 21.29
C ASN A 228 1.66 1.28 21.78
N GLY A 229 2.48 0.75 20.86
CA GLY A 229 3.43 -0.29 21.20
C GLY A 229 4.68 0.18 21.92
N GLY A 230 4.81 1.48 22.12
CA GLY A 230 5.99 2.02 22.78
C GLY A 230 7.23 1.95 21.91
N PHE A 231 8.36 2.41 22.43
CA PHE A 231 9.61 2.38 21.66
C PHE A 231 9.94 0.94 21.28
N GLU A 232 9.54 0.01 22.12
CA GLU A 232 9.78 -1.42 21.89
C GLU A 232 8.94 -1.99 20.73
N ARG A 233 8.01 -1.20 20.19
CA ARG A 233 7.14 -1.64 19.10
C ARG A 233 6.45 -2.94 19.48
N ASP A 234 5.87 -2.97 20.67
CA ASP A 234 5.21 -4.15 21.20
C ASP A 234 3.74 -4.18 20.76
N GLY A 235 3.51 -4.67 19.53
CA GLY A 235 2.17 -4.77 19.00
C GLY A 235 2.17 -4.69 17.48
N GLY A 236 1.08 -5.12 16.87
CA GLY A 236 1.02 -5.03 15.43
C GLY A 236 0.59 -6.29 14.72
N VAL A 237 0.93 -6.36 13.44
CA VAL A 237 0.56 -7.46 12.58
C VAL A 237 1.81 -8.04 11.92
N ILE A 238 2.04 -9.34 12.13
CA ILE A 238 3.21 -10.01 11.57
C ILE A 238 2.79 -11.34 10.97
N GLY A 239 3.20 -11.58 9.73
CA GLY A 239 2.92 -12.84 9.06
C GLY A 239 1.47 -13.18 8.76
N PHE A 240 0.66 -12.14 8.57
CA PHE A 240 -0.77 -12.26 8.33
C PHE A 240 -1.19 -12.18 6.86
N THR A 241 -2.28 -12.85 6.52
CA THR A 241 -2.83 -12.80 5.17
C THR A 241 -4.33 -12.46 5.24
N SER A 242 -4.75 -11.46 4.47
CA SER A 242 -6.15 -11.06 4.40
C SER A 242 -6.64 -11.23 2.96
N TYR A 243 -7.78 -11.88 2.80
CA TYR A 243 -8.36 -12.04 1.47
C TYR A 243 -9.75 -11.41 1.42
N ARG A 244 -9.97 -10.62 0.36
CA ARG A 244 -11.26 -9.98 0.07
C ARG A 244 -11.97 -9.23 1.22
N ALA A 245 -11.23 -8.38 1.93
CA ALA A 245 -11.79 -7.57 3.00
C ALA A 245 -12.82 -6.63 2.34
N GLY A 246 -13.96 -6.46 2.99
CA GLY A 246 -14.99 -5.55 2.50
C GLY A 246 -14.47 -4.12 2.53
N GLU A 247 -13.55 -3.84 3.44
CA GLU A 247 -12.93 -2.53 3.46
C GLU A 247 -11.44 -2.76 3.22
N SER A 248 -10.62 -2.74 4.26
CA SER A 248 -9.18 -2.92 4.11
C SER A 248 -8.58 -4.14 4.81
N GLY A 249 -7.43 -4.60 4.31
CA GLY A 249 -6.79 -5.76 4.89
C GLY A 249 -6.34 -5.48 6.31
N VAL A 250 -5.54 -4.44 6.47
CA VAL A 250 -5.03 -4.04 7.77
C VAL A 250 -5.30 -2.54 7.94
N LYS A 251 -5.88 -2.17 9.08
CA LYS A 251 -6.23 -0.77 9.32
C LYS A 251 -5.93 -0.22 10.71
N THR A 252 -5.29 0.94 10.74
CA THR A 252 -5.07 1.66 12.00
C THR A 252 -6.09 2.78 11.83
N TRP A 253 -7.02 2.89 12.79
CA TRP A 253 -8.08 3.89 12.68
C TRP A 253 -7.63 5.33 12.67
N GLN A 254 -8.47 6.18 12.11
CA GLN A 254 -8.20 7.62 12.04
C GLN A 254 -9.29 8.42 12.73
N GLY A 255 -8.92 9.59 13.23
CA GLY A 255 -9.89 10.46 13.86
C GLY A 255 -10.38 10.12 15.23
N THR A 256 -11.47 10.78 15.62
CA THR A 256 -12.09 10.62 16.93
C THR A 256 -13.18 9.57 16.86
N VAL A 257 -13.18 8.64 17.81
CA VAL A 257 -14.22 7.63 17.89
C VAL A 257 -14.71 7.76 19.33
N GLY A 258 -15.99 8.08 19.47
CA GLY A 258 -16.55 8.28 20.79
C GLY A 258 -16.12 9.69 21.13
N SER A 259 -15.42 9.85 22.24
CA SER A 259 -14.98 11.17 22.65
C SER A 259 -13.45 11.21 22.73
N THR A 260 -12.78 10.24 22.13
CA THR A 260 -11.34 10.21 22.18
C THR A 260 -10.71 9.76 20.86
N THR A 261 -9.38 9.78 20.84
CA THR A 261 -8.61 9.39 19.67
C THR A 261 -8.66 7.87 19.41
N SER A 262 -8.72 7.47 18.14
CA SER A 262 -8.71 6.05 17.79
C SER A 262 -7.38 5.70 17.10
N ARG A 263 -6.48 6.68 17.08
CA ARG A 263 -5.19 6.56 16.42
C ARG A 263 -4.22 5.59 17.08
N ASN A 264 -3.16 5.25 16.36
CA ASN A 264 -2.20 4.26 16.84
C ASN A 264 -0.76 4.68 16.56
N TYR A 265 0.14 4.28 17.45
CA TYR A 265 1.56 4.60 17.36
C TYR A 265 2.41 3.39 17.64
N ASN A 266 3.65 3.45 17.16
CA ASN A 266 4.63 2.43 17.47
C ASN A 266 4.27 0.96 17.29
N LEU A 267 3.59 0.63 16.21
CA LEU A 267 3.20 -0.75 15.95
C LEU A 267 4.03 -1.34 14.81
N GLN A 268 4.08 -2.66 14.74
CA GLN A 268 4.83 -3.31 13.66
C GLN A 268 3.84 -3.80 12.59
N PHE A 269 4.21 -3.67 11.32
CA PHE A 269 3.42 -4.15 10.19
C PHE A 269 4.46 -4.77 9.29
N ARG A 270 4.64 -6.09 9.42
CA ARG A 270 5.67 -6.77 8.68
C ARG A 270 5.28 -8.13 8.16
N ASP A 271 5.96 -8.55 7.09
CA ASP A 271 5.79 -9.86 6.47
C ASP A 271 4.33 -10.27 6.30
N SER A 272 3.51 -9.34 5.85
CA SER A 272 2.10 -9.62 5.67
C SER A 272 1.68 -9.42 4.22
N VAL A 273 0.56 -10.05 3.88
CA VAL A 273 0.02 -10.04 2.55
C VAL A 273 -1.47 -9.68 2.55
N VAL A 274 -1.85 -8.78 1.67
CA VAL A 274 -3.26 -8.43 1.54
C VAL A 274 -3.65 -8.57 0.05
N ILE A 275 -4.63 -9.42 -0.21
CA ILE A 275 -5.11 -9.66 -1.56
C ILE A 275 -6.61 -9.41 -1.73
N TYR A 276 -6.93 -8.74 -2.84
CA TYR A 276 -8.30 -8.40 -3.23
C TYR A 276 -9.21 -7.64 -2.26
N PRO A 277 -8.68 -6.59 -1.57
CA PRO A 277 -9.56 -5.86 -0.66
C PRO A 277 -10.44 -4.94 -1.53
N VAL A 278 -11.66 -4.69 -1.11
CA VAL A 278 -12.57 -3.81 -1.84
C VAL A 278 -12.05 -2.38 -1.73
N TRP A 279 -11.46 -2.05 -0.58
CA TRP A 279 -10.86 -0.74 -0.44
C TRP A 279 -9.33 -0.89 -0.43
N ASP A 280 -8.68 -0.70 0.71
CA ASP A 280 -7.22 -0.71 0.70
C ASP A 280 -6.50 -1.97 1.20
N GLY A 281 -5.24 -2.12 0.79
CA GLY A 281 -4.45 -3.25 1.26
C GLY A 281 -4.10 -2.97 2.72
N PHE A 282 -3.31 -1.91 2.91
CA PHE A 282 -2.89 -1.46 4.24
C PHE A 282 -3.28 0.00 4.33
N ASP A 283 -4.10 0.32 5.33
CA ASP A 283 -4.51 1.69 5.57
C ASP A 283 -3.87 2.04 6.92
N LEU A 284 -2.68 2.65 6.84
CA LEU A 284 -1.92 2.99 8.02
C LEU A 284 -1.90 4.48 8.38
N GLY A 285 -2.92 5.21 7.93
CA GLY A 285 -3.04 6.63 8.22
C GLY A 285 -3.65 6.84 9.59
N ALA A 286 -3.47 8.04 10.15
CA ALA A 286 -3.99 8.37 11.47
C ALA A 286 -4.98 9.54 11.43
N ASP A 287 -4.82 10.43 10.46
CA ASP A 287 -5.71 11.58 10.33
C ASP A 287 -6.63 11.41 9.15
N THR A 288 -7.83 11.94 9.28
CA THR A 288 -8.84 11.87 8.22
C THR A 288 -8.90 13.17 7.41
N ASP A 295 -7.99 19.79 17.95
CA ASP A 295 -8.76 19.05 16.94
C ASP A 295 -8.63 17.55 17.13
N ARG A 296 -7.73 17.13 18.02
CA ARG A 296 -7.52 15.71 18.28
C ARG A 296 -7.71 15.42 19.75
N PRO A 297 -8.97 15.31 20.20
CA PRO A 297 -9.18 15.00 21.61
C PRO A 297 -8.49 13.71 22.03
N GLY A 298 -7.69 13.80 23.09
CA GLY A 298 -6.98 12.65 23.60
C GLY A 298 -5.68 12.36 22.88
N ASP A 299 -5.29 13.24 21.96
CA ASP A 299 -4.07 13.05 21.17
C ASP A 299 -3.34 14.39 21.00
N TYR A 300 -2.29 14.39 20.18
CA TYR A 300 -1.51 15.61 19.92
C TYR A 300 -2.36 16.67 19.25
N PRO A 301 -2.24 17.93 19.71
CA PRO A 301 -3.02 18.99 19.07
C PRO A 301 -2.48 19.35 17.69
N ILE A 302 -3.37 19.84 16.84
CA ILE A 302 -3.00 20.26 15.50
C ILE A 302 -1.90 21.33 15.54
N THR A 303 -1.81 22.04 16.67
CA THR A 303 -0.81 23.08 16.85
C THR A 303 0.57 22.46 16.96
N GLN A 304 0.64 21.30 17.60
CA GLN A 304 1.90 20.61 17.77
C GLN A 304 2.25 19.89 16.46
N TYR A 305 1.35 19.05 15.98
CA TYR A 305 1.58 18.30 14.75
C TYR A 305 0.43 18.53 13.77
N PRO A 306 0.71 19.17 12.63
CA PRO A 306 -0.30 19.45 11.62
C PRO A 306 -0.97 18.17 11.13
N LEU A 307 -2.07 18.33 10.42
CA LEU A 307 -2.80 17.21 9.88
C LEU A 307 -1.88 16.35 9.00
N HIS A 308 -1.95 15.04 9.19
CA HIS A 308 -1.16 14.06 8.45
C HIS A 308 0.34 14.08 8.81
N GLN A 309 0.69 14.80 9.88
CA GLN A 309 2.07 14.88 10.30
C GLN A 309 2.40 14.38 11.71
N LEU A 310 1.64 13.40 12.18
CA LEU A 310 1.90 12.83 13.50
C LEU A 310 3.12 11.91 13.43
N PRO A 311 3.89 11.83 14.52
CA PRO A 311 5.08 10.99 14.62
C PRO A 311 4.64 9.55 14.93
N LEU A 312 3.92 8.93 14.00
CA LEU A 312 3.38 7.58 14.18
C LEU A 312 4.44 6.53 14.52
N ASN A 313 5.60 6.62 13.90
CA ASN A 313 6.71 5.72 14.21
C ASN A 313 6.52 4.21 14.05
N HIS A 314 5.61 3.78 13.19
CA HIS A 314 5.41 2.35 12.98
C HIS A 314 6.64 1.72 12.31
N LEU A 315 6.89 0.44 12.61
CA LEU A 315 7.99 -0.30 12.00
C LEU A 315 7.31 -1.04 10.85
N ILE A 316 7.56 -0.59 9.62
CA ILE A 316 6.90 -1.13 8.43
C ILE A 316 7.90 -1.73 7.45
N ASP A 317 7.73 -3.01 7.15
CA ASP A 317 8.66 -3.71 6.28
C ASP A 317 8.12 -5.02 5.70
N ASN A 318 8.51 -5.31 4.47
CA ASN A 318 8.14 -6.56 3.80
C ASN A 318 6.64 -6.80 3.72
N LEU A 319 5.97 -6.02 2.89
CA LEU A 319 4.53 -6.15 2.73
C LEU A 319 4.22 -6.34 1.25
N LEU A 320 3.24 -7.17 0.96
CA LEU A 320 2.83 -7.43 -0.41
C LEU A 320 1.34 -7.22 -0.54
N VAL A 321 0.92 -6.56 -1.61
CA VAL A 321 -0.49 -6.32 -1.88
C VAL A 321 -0.77 -6.64 -3.36
N ARG A 322 -1.87 -7.33 -3.62
CA ARG A 322 -2.28 -7.61 -4.98
C ARG A 322 -3.81 -7.58 -5.10
N GLY A 323 -4.31 -6.98 -6.17
CA GLY A 323 -5.75 -6.96 -6.40
C GLY A 323 -6.65 -5.98 -5.69
N ALA A 324 -6.09 -4.95 -5.06
CA ALA A 324 -6.91 -3.98 -4.36
C ALA A 324 -7.75 -3.16 -5.34
N LEU A 325 -9.02 -2.95 -4.98
CA LEU A 325 -9.91 -2.14 -5.80
C LEU A 325 -9.76 -0.68 -5.38
N GLY A 326 -9.24 -0.45 -4.18
CA GLY A 326 -9.02 0.89 -3.68
C GLY A 326 -7.55 1.25 -3.87
N VAL A 327 -6.86 1.53 -2.77
CA VAL A 327 -5.43 1.87 -2.78
C VAL A 327 -4.64 0.68 -2.21
N GLY A 328 -3.56 0.28 -2.87
CA GLY A 328 -2.79 -0.83 -2.35
C GLY A 328 -2.17 -0.55 -0.99
N PHE A 329 -1.45 0.57 -0.88
CA PHE A 329 -0.76 0.94 0.35
C PHE A 329 -0.99 2.42 0.66
N GLY A 330 -1.61 2.71 1.79
CA GLY A 330 -1.88 4.09 2.18
C GLY A 330 -1.43 4.45 3.58
N MET A 331 -0.95 5.67 3.75
CA MET A 331 -0.49 6.11 5.07
C MET A 331 -0.25 7.61 5.12
N ASP A 332 -0.05 8.11 6.33
CA ASP A 332 0.30 9.51 6.52
C ASP A 332 1.30 9.51 7.66
N GLY A 333 1.76 10.68 8.08
CA GLY A 333 2.71 10.75 9.18
C GLY A 333 3.97 11.47 8.78
N LYS A 334 4.78 11.82 9.77
CA LYS A 334 6.04 12.51 9.53
C LYS A 334 7.18 11.69 10.11
N GLY A 335 8.36 11.76 9.52
CA GLY A 335 9.52 11.03 10.03
C GLY A 335 9.48 9.51 9.95
N MET A 336 8.73 8.99 8.99
CA MET A 336 8.57 7.56 8.80
C MET A 336 9.69 6.92 7.96
N TYR A 337 10.01 5.66 8.26
CA TYR A 337 10.97 4.88 7.49
C TYR A 337 10.15 3.67 7.03
N VAL A 338 10.05 3.48 5.73
CA VAL A 338 9.27 2.41 5.15
C VAL A 338 10.15 1.66 4.19
N SER A 339 10.07 0.33 4.22
CA SER A 339 10.92 -0.44 3.33
C SER A 339 10.32 -1.72 2.81
N ASN A 340 10.77 -2.07 1.61
CA ASN A 340 10.43 -3.33 0.97
C ASN A 340 8.94 -3.58 0.83
N ILE A 341 8.30 -2.72 0.06
CA ILE A 341 6.87 -2.82 -0.19
C ILE A 341 6.65 -3.19 -1.65
N THR A 342 5.84 -4.21 -1.90
CA THR A 342 5.54 -4.65 -3.26
C THR A 342 4.02 -4.63 -3.47
N VAL A 343 3.57 -3.81 -4.42
CA VAL A 343 2.15 -3.68 -4.73
C VAL A 343 2.00 -3.98 -6.23
N GLU A 344 1.13 -4.92 -6.59
CA GLU A 344 1.00 -5.26 -8.00
C GLU A 344 -0.41 -5.62 -8.38
N ASP A 345 -0.72 -5.38 -9.65
CA ASP A 345 -2.00 -5.75 -10.23
C ASP A 345 -3.18 -5.22 -9.41
N CYS A 346 -3.27 -3.89 -9.30
CA CYS A 346 -4.33 -3.25 -8.56
C CYS A 346 -5.22 -2.43 -9.47
N ALA A 347 -6.53 -2.51 -9.23
CA ALA A 347 -7.53 -1.77 -9.99
C ALA A 347 -7.43 -0.33 -9.57
N GLY A 348 -7.17 -0.11 -8.29
CA GLY A 348 -7.00 1.25 -7.78
C GLY A 348 -5.53 1.62 -7.70
N SER A 349 -5.26 2.81 -7.17
CA SER A 349 -3.92 3.40 -6.97
C SER A 349 -2.98 2.46 -6.17
N GLY A 350 -1.70 2.42 -6.54
CA GLY A 350 -0.77 1.57 -5.84
C GLY A 350 -0.42 2.05 -4.43
N ALA A 351 -0.15 3.34 -4.31
CA ALA A 351 0.22 3.93 -3.03
C ALA A 351 -0.26 5.36 -2.95
N TYR A 352 -0.79 5.73 -1.80
CA TYR A 352 -1.28 7.07 -1.57
C TYR A 352 -0.63 7.48 -0.26
N LEU A 353 0.42 8.29 -0.37
CA LEU A 353 1.21 8.66 0.79
C LEU A 353 1.18 10.13 1.18
N LEU A 354 0.46 10.42 2.26
CA LEU A 354 0.35 11.78 2.78
C LEU A 354 1.40 11.93 3.88
N THR A 355 2.65 11.72 3.49
CA THR A 355 3.78 11.77 4.41
C THR A 355 4.70 12.95 4.15
N HIS A 356 5.46 13.31 5.18
CA HIS A 356 6.40 14.43 5.13
C HIS A 356 7.67 13.97 5.86
N GLU A 357 8.83 14.44 5.40
CA GLU A 357 10.11 14.07 5.99
C GLU A 357 10.22 12.58 6.26
N SER A 358 9.80 11.78 5.28
CA SER A 358 9.83 10.34 5.40
C SER A 358 10.69 9.73 4.31
N VAL A 359 11.15 8.50 4.55
CA VAL A 359 12.02 7.81 3.61
C VAL A 359 11.39 6.50 3.19
N PHE A 360 11.38 6.24 1.88
CA PHE A 360 10.84 5.00 1.30
C PHE A 360 11.95 4.31 0.55
N THR A 361 12.27 3.09 0.98
CA THR A 361 13.37 2.34 0.37
C THR A 361 12.86 1.06 -0.28
N ASN A 362 13.25 0.84 -1.54
CA ASN A 362 12.87 -0.36 -2.30
C ASN A 362 11.37 -0.59 -2.39
N ILE A 363 10.71 0.31 -3.10
CA ILE A 363 9.27 0.26 -3.30
C ILE A 363 9.04 -0.24 -4.73
N ALA A 364 8.08 -1.15 -4.91
CA ALA A 364 7.76 -1.66 -6.24
C ALA A 364 6.24 -1.48 -6.42
N ILE A 365 5.86 -0.68 -7.42
CA ILE A 365 4.44 -0.39 -7.75
C ILE A 365 4.28 -0.85 -9.20
N ILE A 366 3.75 -2.07 -9.34
CA ILE A 366 3.64 -2.76 -10.61
C ILE A 366 2.21 -2.98 -11.10
N ASP A 367 1.84 -2.27 -12.18
CA ASP A 367 0.51 -2.37 -12.80
C ASP A 367 -0.64 -2.06 -11.84
N THR A 368 -0.72 -0.79 -11.44
CA THR A 368 -1.78 -0.31 -10.54
C THR A 368 -2.58 0.79 -11.25
N ASN A 369 -3.68 1.21 -10.63
CA ASN A 369 -4.59 2.22 -11.18
C ASN A 369 -5.06 1.76 -12.56
N THR A 370 -5.24 0.45 -12.73
CA THR A 370 -5.67 -0.09 -14.01
C THR A 370 -7.08 0.34 -14.42
N LYS A 371 -7.84 0.94 -13.50
CA LYS A 371 -9.19 1.40 -13.79
C LYS A 371 -9.35 2.94 -13.71
N ASP A 372 -8.24 3.67 -13.68
CA ASP A 372 -8.25 5.13 -13.58
C ASP A 372 -9.10 5.78 -12.52
N PHE A 373 -9.23 5.10 -11.38
CA PHE A 373 -9.99 5.65 -10.28
C PHE A 373 -9.25 6.86 -9.72
N GLN A 374 -7.92 6.78 -9.73
CA GLN A 374 -7.11 7.86 -9.23
C GLN A 374 -6.39 8.58 -10.33
N ALA A 375 -5.78 9.68 -9.94
CA ALA A 375 -5.02 10.52 -10.84
C ALA A 375 -3.62 9.97 -11.10
N ASN A 376 -3.21 8.98 -10.30
CA ASN A 376 -1.86 8.42 -10.42
C ASN A 376 -1.69 7.05 -9.81
N GLN A 377 -0.52 6.44 -10.04
CA GLN A 377 -0.22 5.13 -9.48
C GLN A 377 0.36 5.28 -8.08
N ILE A 378 1.20 6.29 -7.91
CA ILE A 378 1.76 6.59 -6.59
C ILE A 378 1.76 8.10 -6.39
N TYR A 379 1.23 8.52 -5.25
CA TYR A 379 1.18 9.93 -4.86
C TYR A 379 1.87 10.14 -3.51
N ILE A 380 2.71 11.16 -3.43
CA ILE A 380 3.38 11.53 -2.17
C ILE A 380 3.18 13.02 -2.04
N SER A 381 2.60 13.47 -0.93
CA SER A 381 2.34 14.90 -0.76
C SER A 381 3.53 15.73 -0.28
N GLY A 382 4.13 15.30 0.82
CA GLY A 382 5.22 16.04 1.44
C GLY A 382 6.62 15.87 0.91
N ALA A 383 7.57 16.48 1.62
CA ALA A 383 8.99 16.44 1.25
C ALA A 383 9.58 15.13 1.73
N CYS A 384 9.61 14.16 0.83
CA CYS A 384 10.09 12.81 1.13
C CYS A 384 11.24 12.36 0.24
N ARG A 385 11.84 11.24 0.62
CA ARG A 385 12.95 10.64 -0.08
C ARG A 385 12.56 9.23 -0.53
N VAL A 386 12.73 8.92 -1.80
CA VAL A 386 12.44 7.59 -2.31
C VAL A 386 13.73 7.06 -2.89
N ASN A 387 14.20 5.95 -2.35
CA ASN A 387 15.44 5.33 -2.81
C ASN A 387 15.12 3.93 -3.32
N GLY A 388 14.99 3.82 -4.64
CA GLY A 388 14.66 2.54 -5.26
C GLY A 388 13.16 2.49 -5.49
N LEU A 389 12.73 2.67 -6.73
CA LEU A 389 11.32 2.67 -7.10
C LEU A 389 11.11 1.94 -8.44
N ARG A 390 10.44 0.79 -8.39
CA ARG A 390 10.19 0.04 -9.62
C ARG A 390 8.78 0.34 -10.07
N LEU A 391 8.64 0.72 -11.33
CA LEU A 391 7.36 1.07 -11.91
C LEU A 391 7.12 0.35 -13.23
N ILE A 392 5.84 0.06 -13.50
CA ILE A 392 5.37 -0.57 -14.74
C ILE A 392 5.63 -2.06 -14.89
N GLY A 393 4.55 -2.80 -15.15
CA GLY A 393 4.68 -4.21 -15.37
C GLY A 393 4.48 -4.44 -16.86
N ILE A 394 3.33 -5.00 -17.20
CA ILE A 394 3.01 -5.29 -18.58
C ILE A 394 1.83 -4.47 -19.08
N ARG A 395 1.29 -3.59 -18.24
CA ARG A 395 0.18 -2.76 -18.68
C ARG A 395 0.67 -1.41 -19.16
N SER A 396 -3.17 10.98 -16.92
CA SER A 396 -2.95 10.25 -15.69
C SER A 396 -1.44 10.03 -15.44
N LEU A 402 -0.92 10.57 -14.35
CA LEU A 402 0.49 10.44 -14.01
C LEU A 402 0.77 9.09 -13.40
N THR A 403 2.01 8.66 -13.48
CA THR A 403 2.41 7.39 -12.89
C THR A 403 2.79 7.73 -11.45
N ILE A 404 3.69 8.68 -11.28
CA ILE A 404 4.08 9.12 -9.95
C ILE A 404 3.94 10.64 -9.89
N ASP A 405 3.31 11.10 -8.83
CA ASP A 405 3.15 12.53 -8.61
C ASP A 405 3.61 12.70 -7.16
N ALA A 406 4.83 13.20 -7.00
CA ALA A 406 5.44 13.44 -5.70
C ALA A 406 6.20 14.75 -5.90
N PRO A 407 5.46 15.87 -6.00
CA PRO A 407 5.96 17.23 -6.22
C PRO A 407 7.09 17.74 -5.35
N ASN A 408 7.14 17.27 -4.10
CA ASN A 408 8.13 17.73 -3.16
C ASN A 408 9.18 16.71 -2.78
N SER A 409 9.17 15.57 -3.46
CA SER A 409 10.09 14.49 -3.16
C SER A 409 11.28 14.36 -4.09
N THR A 410 12.35 13.84 -3.53
CA THR A 410 13.60 13.61 -4.28
C THR A 410 13.68 12.10 -4.43
N VAL A 411 13.87 11.67 -5.67
CA VAL A 411 13.88 10.26 -5.99
C VAL A 411 15.17 9.84 -6.71
N SER A 412 15.55 8.59 -6.51
CA SER A 412 16.70 7.99 -7.13
C SER A 412 16.41 6.49 -7.37
N GLY A 413 16.97 5.93 -8.44
CA GLY A 413 16.79 4.50 -8.69
C GLY A 413 15.49 3.96 -9.24
N ILE A 414 14.87 4.65 -10.18
CA ILE A 414 13.65 4.16 -10.80
C ILE A 414 14.02 3.14 -11.86
N THR A 415 13.30 2.01 -11.89
CA THR A 415 13.52 1.00 -12.93
C THR A 415 12.15 0.71 -13.53
N GLY A 416 12.14 0.34 -14.80
CA GLY A 416 10.90 0.03 -15.48
C GLY A 416 10.66 0.85 -16.72
N MET A 417 9.73 0.38 -17.54
CA MET A 417 9.39 1.03 -18.80
C MET A 417 8.39 2.16 -18.59
N VAL A 418 8.79 3.10 -17.73
CA VAL A 418 7.95 4.23 -17.41
C VAL A 418 7.95 5.26 -18.56
N ASP A 419 6.81 5.95 -18.75
CA ASP A 419 6.70 7.01 -19.76
C ASP A 419 7.18 8.24 -18.96
N PRO A 420 8.32 8.82 -19.36
CA PRO A 420 8.91 10.00 -18.68
C PRO A 420 7.97 11.20 -18.50
N SER A 421 7.03 11.37 -19.43
CA SER A 421 6.10 12.50 -19.35
C SER A 421 5.11 12.30 -18.21
N ARG A 422 5.05 11.10 -17.66
CA ARG A 422 4.14 10.81 -16.56
C ARG A 422 4.83 10.77 -15.19
N ILE A 423 6.01 11.38 -15.12
CA ILE A 423 6.75 11.45 -13.87
C ILE A 423 6.78 12.91 -13.40
N ASN A 424 6.42 13.15 -12.14
CA ASN A 424 6.50 14.49 -11.58
C ASN A 424 7.11 14.40 -10.19
N VAL A 425 8.35 14.87 -10.04
CA VAL A 425 9.03 14.83 -8.75
C VAL A 425 9.77 16.13 -8.63
N ALA A 426 10.30 16.41 -7.44
CA ALA A 426 11.06 17.63 -7.20
C ALA A 426 12.46 17.50 -7.78
N ASN A 427 13.05 16.32 -7.61
CA ASN A 427 14.39 16.09 -8.10
C ASN A 427 14.58 14.60 -8.33
N LEU A 428 15.22 14.24 -9.45
CA LEU A 428 15.51 12.86 -9.83
C LEU A 428 17.01 12.81 -10.17
N ALA A 429 17.77 11.91 -9.53
CA ALA A 429 19.21 11.84 -9.78
C ALA A 429 19.87 10.51 -9.46
N GLU A 430 20.90 10.18 -10.25
CA GLU A 430 21.70 8.95 -10.08
C GLU A 430 23.10 9.53 -9.88
N GLU A 431 23.41 9.93 -8.66
CA GLU A 431 24.69 10.53 -8.31
C GLU A 431 25.90 9.60 -8.26
N GLY A 432 25.66 8.32 -7.97
CA GLY A 432 26.75 7.38 -7.81
C GLY A 432 26.86 6.18 -8.72
N LEU A 433 26.62 6.36 -10.02
CA LEU A 433 26.78 5.24 -10.96
C LEU A 433 28.25 5.15 -11.34
N GLY A 434 28.69 3.99 -11.80
CA GLY A 434 30.08 3.84 -12.20
C GLY A 434 30.18 4.12 -13.68
N ASN A 435 31.19 3.54 -14.34
CA ASN A 435 31.33 3.70 -15.79
C ASN A 435 30.07 3.04 -16.39
N ILE A 436 29.54 3.64 -17.44
CA ILE A 436 28.28 3.17 -18.02
C ILE A 436 28.33 2.64 -19.44
N ARG A 437 27.48 1.67 -19.73
CA ARG A 437 27.33 1.19 -21.10
C ARG A 437 25.82 1.14 -21.39
N ALA A 438 25.42 1.74 -22.50
CA ALA A 438 24.04 1.72 -22.95
C ALA A 438 23.97 0.64 -24.05
N ASN A 439 23.23 -0.44 -23.76
CA ASN A 439 23.08 -1.57 -24.69
C ASN A 439 21.73 -1.51 -25.39
N SER A 440 21.78 -1.39 -26.71
CA SER A 440 20.57 -1.32 -27.52
C SER A 440 20.25 -2.62 -28.24
N PHE A 441 19.02 -3.09 -28.09
CA PHE A 441 18.55 -4.33 -28.70
C PHE A 441 17.37 -4.04 -29.63
N GLY A 442 17.36 -4.69 -30.79
CA GLY A 442 16.27 -4.51 -31.74
C GLY A 442 16.22 -3.22 -32.54
N TYR A 443 17.21 -2.35 -32.40
CA TYR A 443 17.21 -1.11 -33.13
C TYR A 443 18.53 -0.95 -33.86
N ASP A 444 18.53 -0.05 -34.82
CA ASP A 444 19.73 0.26 -35.59
C ASP A 444 20.55 1.35 -34.91
N SER A 445 20.15 1.74 -33.70
CA SER A 445 20.88 2.76 -32.98
C SER A 445 20.79 2.55 -31.48
N ALA A 446 21.71 3.19 -30.78
CA ALA A 446 21.76 3.17 -29.30
C ALA A 446 21.64 4.64 -28.97
N ALA A 447 21.08 4.97 -27.82
CA ALA A 447 20.89 6.36 -27.45
C ALA A 447 20.92 6.67 -25.98
N ILE A 448 21.40 7.87 -25.71
CA ILE A 448 21.45 8.42 -24.36
C ILE A 448 20.78 9.78 -24.57
N LYS A 449 19.55 9.90 -24.10
CA LYS A 449 18.78 11.11 -24.27
C LYS A 449 18.72 11.95 -23.02
N LEU A 450 18.49 13.24 -23.22
CA LEU A 450 18.37 14.21 -22.12
C LEU A 450 17.02 14.90 -22.26
N ARG A 451 16.33 15.09 -21.15
CA ARG A 451 15.03 15.75 -21.17
C ARG A 451 14.94 16.68 -19.96
N ILE A 452 14.76 17.97 -20.25
CA ILE A 452 14.64 19.01 -19.23
C ILE A 452 13.12 19.18 -19.11
N HIS A 453 12.55 18.68 -18.02
CA HIS A 453 11.10 18.73 -17.85
C HIS A 453 10.53 20.13 -17.76
N LYS A 454 11.38 21.08 -17.36
CA LYS A 454 10.99 22.49 -17.27
C LYS A 454 10.74 23.03 -18.69
N LEU A 455 11.50 22.53 -19.66
CA LEU A 455 11.36 22.94 -21.05
C LEU A 455 10.20 22.18 -21.70
N SER A 456 10.20 20.86 -21.53
CA SER A 456 9.16 19.97 -22.06
C SER A 456 9.16 18.62 -21.36
N LYS A 457 7.97 18.16 -21.00
CA LYS A 457 7.84 16.87 -20.34
C LYS A 457 7.67 15.79 -21.38
N THR A 458 7.39 16.17 -22.63
CA THR A 458 7.15 15.17 -23.68
C THR A 458 8.23 15.04 -24.75
N LEU A 459 9.10 16.04 -24.86
CA LEU A 459 10.16 16.03 -25.87
C LEU A 459 11.54 16.04 -25.27
N ASP A 460 12.42 15.22 -25.82
CA ASP A 460 13.81 15.20 -25.36
C ASP A 460 14.50 16.43 -25.95
N SER A 461 15.34 17.07 -25.13
CA SER A 461 16.02 18.30 -25.53
C SER A 461 17.36 18.11 -26.25
N GLY A 462 17.94 16.92 -26.10
CA GLY A 462 19.22 16.64 -26.72
C GLY A 462 19.51 15.15 -26.60
N ALA A 463 20.52 14.70 -27.34
CA ALA A 463 20.87 13.30 -27.31
C ALA A 463 22.26 13.00 -27.85
N LEU A 464 22.78 11.86 -27.42
CA LEU A 464 24.03 11.32 -27.90
C LEU A 464 23.57 9.96 -28.51
N TYR A 465 23.69 9.81 -29.82
CA TYR A 465 23.29 8.57 -30.49
C TYR A 465 24.48 7.87 -31.13
N SER A 466 24.30 6.60 -31.41
CA SER A 466 25.27 5.82 -32.16
C SER A 466 24.36 5.09 -33.16
N HIS A 467 24.59 5.27 -34.45
CA HIS A 467 23.75 4.65 -35.50
C HIS A 467 24.57 3.78 -36.44
N ILE A 468 23.99 2.65 -36.85
CA ILE A 468 24.66 1.74 -37.79
C ILE A 468 24.88 2.40 -39.15
N ASN A 469 26.06 2.17 -39.74
CA ASN A 469 26.40 2.65 -41.09
C ASN A 469 26.30 1.39 -41.94
N GLY A 470 25.42 1.39 -42.93
CA GLY A 470 25.29 0.21 -43.77
C GLY A 470 24.34 -0.78 -43.13
N GLY A 471 24.87 -1.87 -42.59
CA GLY A 471 24.01 -2.86 -41.97
C GLY A 471 24.71 -3.62 -40.86
N ALA A 472 24.04 -4.65 -40.35
CA ALA A 472 24.60 -5.47 -39.29
C ALA A 472 25.95 -6.00 -39.77
N GLY A 473 26.90 -6.10 -38.85
CA GLY A 473 28.21 -6.62 -39.18
C GLY A 473 29.08 -5.75 -40.07
N SER A 474 28.69 -4.51 -40.31
CA SER A 474 29.51 -3.63 -41.14
C SER A 474 30.72 -3.11 -40.36
N GLY A 475 30.68 -3.26 -39.04
CA GLY A 475 31.78 -2.79 -38.21
C GLY A 475 31.91 -1.28 -38.27
N SER A 476 30.84 -0.59 -38.65
CA SER A 476 30.87 0.87 -38.76
C SER A 476 29.58 1.50 -38.20
N ALA A 477 29.74 2.64 -37.53
CA ALA A 477 28.61 3.38 -36.97
C ALA A 477 29.02 4.82 -36.90
N TYR A 478 28.05 5.71 -36.79
CA TYR A 478 28.36 7.12 -36.64
C TYR A 478 27.73 7.62 -35.36
N THR A 479 28.43 8.54 -34.72
CA THR A 479 27.97 9.12 -33.46
C THR A 479 27.41 10.50 -33.76
N GLN A 480 26.27 10.85 -33.16
CA GLN A 480 25.73 12.16 -33.38
C GLN A 480 25.26 12.78 -32.08
N LEU A 481 25.55 14.07 -31.92
CA LEU A 481 25.21 14.86 -30.75
C LEU A 481 24.16 15.85 -31.24
N THR A 482 22.97 15.83 -30.63
CA THR A 482 21.87 16.69 -31.10
C THR A 482 21.31 17.69 -30.09
N ALA A 483 20.49 18.60 -30.62
CA ALA A 483 19.81 19.62 -29.82
C ALA A 483 18.46 19.92 -30.45
N ILE A 484 17.46 20.19 -29.62
CA ILE A 484 16.12 20.52 -30.08
C ILE A 484 16.04 21.99 -30.49
N SER A 485 15.29 22.27 -31.55
CA SER A 485 15.10 23.63 -32.01
C SER A 485 13.71 23.66 -32.62
N GLY A 486 12.94 24.71 -32.29
CA GLY A 486 11.59 24.86 -32.80
C GLY A 486 10.69 23.71 -32.42
N SER A 487 10.89 23.17 -31.21
CA SER A 487 10.13 22.04 -30.70
C SER A 487 10.29 20.77 -31.53
N THR A 488 11.34 20.70 -32.33
CA THR A 488 11.61 19.53 -33.15
C THR A 488 12.84 18.85 -32.58
N PRO A 489 12.65 17.72 -31.89
CA PRO A 489 13.82 17.05 -31.32
C PRO A 489 14.86 16.65 -32.38
N ASP A 490 16.13 16.74 -32.00
CA ASP A 490 17.26 16.39 -32.87
C ASP A 490 17.33 17.25 -34.13
N ALA A 491 16.78 18.46 -34.04
CA ALA A 491 16.76 19.39 -35.17
C ALA A 491 18.15 19.80 -35.63
N VAL A 492 19.08 19.98 -34.69
CA VAL A 492 20.44 20.41 -34.99
C VAL A 492 21.42 19.36 -34.47
N SER A 493 22.46 19.03 -35.24
CA SER A 493 23.40 18.00 -34.79
C SER A 493 24.79 17.98 -35.41
N LEU A 494 25.72 17.46 -34.63
CA LEU A 494 27.11 17.28 -35.04
C LEU A 494 27.26 15.75 -35.22
N LYS A 495 27.87 15.29 -36.31
CA LYS A 495 28.04 13.86 -36.52
C LYS A 495 29.51 13.55 -36.69
N VAL A 496 29.88 12.33 -36.30
CA VAL A 496 31.24 11.82 -36.42
C VAL A 496 31.14 10.46 -37.13
N ASN A 497 31.77 10.32 -38.30
CA ASN A 497 31.80 9.08 -39.09
C ASN A 497 30.53 8.71 -39.86
N HIS A 498 29.73 9.70 -40.26
CA HIS A 498 28.53 9.40 -41.02
C HIS A 498 28.97 8.72 -42.35
N LYS A 499 28.28 7.65 -42.72
CA LYS A 499 28.60 6.86 -43.93
C LYS A 499 30.06 6.41 -43.96
N ASP A 500 30.61 6.18 -42.77
CA ASP A 500 31.99 5.76 -42.59
C ASP A 500 33.04 6.69 -43.24
N CYS A 501 32.68 7.97 -43.38
CA CYS A 501 33.58 8.95 -44.00
C CYS A 501 34.78 9.34 -43.12
N ARG A 502 34.70 9.00 -41.84
CA ARG A 502 35.77 9.26 -40.86
C ARG A 502 36.04 10.75 -40.58
N GLY A 503 35.04 11.57 -40.84
CA GLY A 503 35.15 13.00 -40.62
C GLY A 503 33.99 13.51 -39.79
N ALA A 504 34.10 14.74 -39.30
CA ALA A 504 33.05 15.32 -38.49
C ALA A 504 32.21 16.28 -39.33
N GLU A 505 30.89 16.08 -39.30
CA GLU A 505 29.98 16.95 -40.03
C GLU A 505 29.54 17.98 -39.01
N ILE A 506 29.85 19.24 -39.27
CA ILE A 506 29.58 20.35 -38.36
C ILE A 506 28.51 21.33 -38.83
N PRO A 507 27.51 21.61 -37.98
CA PRO A 507 26.44 22.55 -38.33
C PRO A 507 26.86 24.03 -38.17
N PHE A 508 26.45 24.86 -39.13
CA PHE A 508 26.77 26.29 -39.08
C PHE A 508 25.48 27.12 -39.07
N VAL A 509 25.56 28.34 -38.53
CA VAL A 509 24.40 29.24 -38.49
C VAL A 509 24.03 29.48 -39.97
N PRO A 510 22.75 29.24 -40.34
CA PRO A 510 22.28 29.42 -41.71
C PRO A 510 22.29 30.83 -42.26
N ASP A 511 22.55 31.81 -41.38
CA ASP A 511 22.54 33.21 -41.81
C ASP A 511 23.63 33.95 -41.03
N ILE A 512 23.64 35.26 -41.18
CA ILE A 512 24.62 36.08 -40.50
C ILE A 512 24.41 35.89 -39.01
N ALA A 513 25.46 35.45 -38.32
CA ALA A 513 25.41 35.23 -36.89
C ALA A 513 25.44 36.55 -36.14
N SER A 514 24.53 36.71 -35.20
CA SER A 514 24.47 37.90 -34.37
C SER A 514 25.60 37.85 -33.34
N ASP A 515 26.05 39.00 -32.87
CA ASP A 515 27.13 39.06 -31.88
C ASP A 515 26.85 38.23 -30.64
N ASP A 516 25.59 38.17 -30.23
CA ASP A 516 25.24 37.44 -29.02
C ASP A 516 25.10 35.94 -29.14
N PHE A 517 25.33 35.40 -30.34
CA PHE A 517 25.23 33.97 -30.53
C PHE A 517 26.40 33.24 -29.92
N ILE A 518 27.58 33.85 -29.92
CA ILE A 518 28.76 33.19 -29.37
C ILE A 518 28.78 33.40 -27.85
N LYS A 519 29.09 32.33 -27.13
CA LYS A 519 29.10 32.33 -25.67
C LYS A 519 30.44 32.59 -25.00
N ASP A 520 31.44 31.75 -25.31
CA ASP A 520 32.76 31.84 -24.67
C ASP A 520 33.89 32.41 -25.49
N SER A 521 34.88 32.95 -24.79
CA SER A 521 36.10 33.50 -25.38
C SER A 521 36.92 32.35 -25.95
N SER A 522 37.73 32.66 -26.95
CA SER A 522 38.58 31.67 -27.58
C SER A 522 37.76 30.54 -28.24
N CYS A 523 36.64 30.93 -28.85
CA CYS A 523 35.77 30.02 -29.56
C CYS A 523 35.35 30.71 -30.85
N PHE A 524 35.01 29.92 -31.86
CA PHE A 524 34.53 30.50 -33.11
C PHE A 524 33.25 29.79 -33.48
N LEU A 525 32.38 30.51 -34.17
CA LEU A 525 31.08 30.00 -34.61
C LEU A 525 30.90 30.23 -36.11
N PRO A 526 30.93 29.15 -36.88
CA PRO A 526 30.76 29.29 -38.32
C PRO A 526 29.36 29.74 -38.71
N TYR A 527 29.27 30.60 -39.73
CA TYR A 527 28.00 31.07 -40.23
C TYR A 527 28.02 31.29 -41.75
N TRP A 528 26.84 31.19 -42.35
CA TRP A 528 26.69 31.31 -43.77
C TRP A 528 26.49 32.74 -44.25
N GLU A 529 27.24 33.11 -45.29
CA GLU A 529 27.13 34.41 -45.94
C GLU A 529 26.70 34.06 -47.35
N ASN A 530 25.40 34.05 -47.56
CA ASN A 530 24.82 33.68 -48.84
C ASN A 530 25.20 34.56 -50.04
N ASN A 531 25.36 35.87 -49.82
CA ASN A 531 25.68 36.79 -50.91
C ASN A 531 27.07 36.60 -51.52
N SER A 532 27.86 35.68 -50.98
CA SER A 532 29.19 35.46 -51.53
C SER A 532 29.54 33.99 -51.57
N THR A 533 28.60 33.15 -51.16
CA THR A 533 28.82 31.70 -51.12
C THR A 533 30.06 31.42 -50.27
N SER A 534 30.08 32.02 -49.09
CA SER A 534 31.20 31.84 -48.19
C SER A 534 30.76 31.48 -46.78
N LEU A 535 31.67 30.83 -46.07
CA LEU A 535 31.47 30.49 -44.69
C LEU A 535 32.33 31.52 -43.98
N LYS A 536 31.76 32.16 -42.97
CA LYS A 536 32.48 33.14 -42.19
C LYS A 536 32.56 32.55 -40.81
N ALA A 537 33.29 33.19 -39.93
CA ALA A 537 33.42 32.72 -38.56
C ALA A 537 33.35 33.89 -37.59
N LEU A 538 32.36 33.86 -36.71
CA LEU A 538 32.24 34.87 -35.68
C LEU A 538 33.23 34.33 -34.65
N VAL A 539 34.23 35.12 -34.32
CA VAL A 539 35.28 34.73 -33.38
C VAL A 539 35.31 35.58 -32.13
N LYS A 540 35.36 34.93 -30.98
CA LYS A 540 35.49 35.67 -29.74
C LYS A 540 36.93 35.37 -29.36
N LYS A 541 37.78 36.37 -29.52
CA LYS A 541 39.19 36.22 -29.23
C LYS A 541 39.44 35.91 -27.77
N PRO A 542 40.64 35.39 -27.45
CA PRO A 542 40.96 35.07 -26.06
C PRO A 542 40.70 36.25 -25.10
N ASN A 543 40.87 37.47 -25.60
CA ASN A 543 40.66 38.66 -24.78
C ASN A 543 39.21 39.10 -24.69
N GLY A 544 38.32 38.36 -25.33
CA GLY A 544 36.91 38.70 -25.28
C GLY A 544 36.39 39.54 -26.42
N GLU A 545 37.27 40.11 -27.23
CA GLU A 545 36.80 40.93 -28.35
C GLU A 545 36.30 40.07 -29.50
N LEU A 546 35.28 40.57 -30.19
CA LEU A 546 34.71 39.86 -31.33
C LEU A 546 35.33 40.33 -32.64
N VAL A 547 35.48 39.41 -33.57
CA VAL A 547 36.02 39.69 -34.89
C VAL A 547 35.35 38.69 -35.83
N ARG A 548 35.06 39.11 -37.06
CA ARG A 548 34.44 38.23 -38.04
C ARG A 548 35.47 37.94 -39.11
N LEU A 549 35.73 36.66 -39.33
CA LEU A 549 36.73 36.24 -40.29
C LEU A 549 36.12 35.39 -41.40
N THR A 550 36.86 35.26 -42.50
CA THR A 550 36.42 34.44 -43.61
C THR A 550 37.00 33.05 -43.29
N LEU A 551 36.13 32.04 -43.30
CA LEU A 551 36.51 30.67 -42.99
C LEU A 551 36.68 29.78 -44.23
N ALA A 552 35.72 29.83 -45.15
CA ALA A 552 35.81 29.02 -46.37
C ALA A 552 35.22 29.74 -47.56
N THR A 553 35.86 29.61 -48.73
CA THR A 553 35.40 30.29 -49.94
C THR A 553 35.55 29.45 -51.19
N LEU A 554 34.94 29.91 -52.27
CA LEU A 554 35.02 29.23 -53.56
C LEU A 554 36.44 29.38 -54.11
#